data_7YM8
#
_entry.id   7YM8
#
_cell.length_a   1.00
_cell.length_b   1.00
_cell.length_c   1.00
_cell.angle_alpha   90.00
_cell.angle_beta   90.00
_cell.angle_gamma   90.00
#
_symmetry.space_group_name_H-M   'P 1'
#
loop_
_entity.id
_entity.type
_entity.pdbx_description
1 polymer miniGsq
2 polymer 'alpha1A adrenergic receptor'
3 polymer 'nanobody 29'
4 non-polymer Oxymetazoline
5 non-polymer 'CHOLESTEROL HEMISUCCINATE'
#
loop_
_entity_poly.entity_id
_entity_poly.type
_entity_poly.pdbx_seq_one_letter_code
_entity_poly.pdbx_strand_id
1 'polypeptide(L)'
;MGHHHHHHHHLEVLFQGPIEKQLQKDKQVYRATHRLLLLGADNSGKSTIVKQMRILHGGSGGSGGTSGIFETKFQVDKVN
FHMFDVGGQRDERRKWIQCFNDVTAIIFVVDSSDYNRLQEALNDFKSIWNNRWLRTISVILFLNKQDLLAEKVLAGKSKI
EDYFPEFARYTTPEDATPEPGEDPRVTRAKYFIRDEFLRISTASGDGRHYCYPHFTCAVDTENARRIFNDCKDIILQMNL
REYNLV
;
B
2 'polypeptide(L)'
;MKTIIALSYIFCLVFADYKDDDDAMVFLSGQASDSSQCTQPPAPVQISKAILLGVILGGLILFGVLGNILVILSVACHRH
LHSVTHYYIVNLAVADLLLTSTVLPFSAIFEVLGYWAFGRVFCNIWAAVDVLCCTASIMGLCIISIDRYIGVSYPLRYPT
IVTQRRGLMALLCVWALSLVISIGPLFGWRQPAPEDETICQINEEPGYVLFSALGSFYLPLAIILVMYCRVYVVAKRESR
GLKSGLNIFEMLRIDEGGGSGGDEAEKLFNQDVDAAVRGILRNAKLKPVYDSLDAVRRAALINMVFQMGETGVAGFTNSL
RMLQQKRWDEAAVNLAKSRWYNQTPNRAKRVITTFRTGTWDAYLKFSREKKAAKTLGIVVGCFVLCWLPFFLVMPIGSFF
PDFKPSETVFKIVFWLGYLNSCINPIIYPCSSQEFKKAFQNVLRIQCLCRKQSSKHALGYTLHPPSQAVEGQHHHHHHHH
;
A
3 'polypeptide(L)'
;MKYLLPTAAAGLLLLAAQPAMAQVQLQESGGGLVQAGGSLRLSCAASGNISAHWKMGWYRQAPGKEREFVAGIGYANTNY
ADSVKGRFTISRDNAKNTVYLQMNSLKPEDTAVYYCAAYSYYRDHSYWGQGTQVTVSSHHHHHH
;
D
#
# COMPACT_ATOMS: atom_id res chain seq x y z
N ALA A 32 8.96 5.34 24.48
CA ALA A 32 8.52 4.59 25.65
C ALA A 32 8.73 5.41 26.92
N THR A 33 9.43 6.53 26.78
CA THR A 33 9.69 7.46 27.88
C THR A 33 8.89 8.73 27.63
N HIS A 34 7.87 8.97 28.45
CA HIS A 34 7.00 10.12 28.30
C HIS A 34 7.33 11.17 29.35
N ARG A 35 7.53 12.40 28.92
CA ARG A 35 7.81 13.50 29.82
C ARG A 35 6.51 14.15 30.26
N LEU A 36 6.36 14.35 31.56
CA LEU A 36 5.23 15.05 32.14
C LEU A 36 5.74 16.31 32.83
N LEU A 37 4.82 17.24 33.08
CA LEU A 37 5.17 18.54 33.67
C LEU A 37 4.27 18.78 34.87
N LEU A 38 4.79 18.46 36.06
CA LEU A 38 4.04 18.68 37.28
C LEU A 38 3.96 20.17 37.60
N LEU A 39 2.77 20.63 37.97
CA LEU A 39 2.54 22.03 38.29
C LEU A 39 1.54 22.09 39.44
N GLY A 40 1.01 23.27 39.71
CA GLY A 40 -0.02 23.45 40.70
C GLY A 40 0.46 24.28 41.87
N ALA A 41 -0.51 24.64 42.73
CA ALA A 41 -0.24 25.45 43.89
C ALA A 41 0.39 24.61 45.00
N ASP A 42 1.02 25.31 45.95
CA ASP A 42 1.62 24.65 47.10
C ASP A 42 0.54 24.19 48.08
N ASN A 43 0.96 23.31 49.00
CA ASN A 43 0.08 22.67 49.99
C ASN A 43 -1.10 21.94 49.36
N SER A 44 -0.87 21.35 48.17
CA SER A 44 -1.90 20.63 47.45
C SER A 44 -1.63 19.13 47.41
N GLY A 45 -0.64 18.66 48.15
CA GLY A 45 -0.32 17.25 48.15
C GLY A 45 0.43 16.77 46.92
N LYS A 46 1.28 17.63 46.35
CA LYS A 46 2.09 17.20 45.21
C LYS A 46 3.17 16.22 45.64
N SER A 47 3.74 16.41 46.83
CA SER A 47 4.72 15.47 47.35
C SER A 47 4.06 14.14 47.72
N THR A 48 2.80 14.18 48.16
CA THR A 48 2.07 12.94 48.41
C THR A 48 1.76 12.21 47.11
N ILE A 49 1.53 12.96 46.03
CA ILE A 49 1.40 12.35 44.70
C ILE A 49 2.74 11.78 44.25
N VAL A 50 3.83 12.51 44.49
CA VAL A 50 5.14 12.07 44.02
C VAL A 50 5.65 10.88 44.83
N LYS A 51 5.66 11.02 46.16
CA LYS A 51 6.20 9.96 47.00
C LYS A 51 5.21 8.82 47.19
N GLN A 52 4.06 9.10 47.81
CA GLN A 52 3.10 8.07 48.18
C GLN A 52 2.14 7.81 47.02
N MET A 53 2.68 7.21 45.96
CA MET A 53 1.89 6.84 44.80
C MET A 53 1.75 5.33 44.72
N ILE A 69 13.45 22.98 40.00
CA ILE A 69 12.82 21.88 39.29
C ILE A 69 13.39 20.55 39.76
N PHE A 70 12.57 19.78 40.46
CA PHE A 70 12.96 18.45 40.90
C PHE A 70 12.53 17.40 39.88
N GLU A 71 13.02 16.18 40.08
CA GLU A 71 12.82 15.09 39.14
C GLU A 71 12.00 13.97 39.79
N THR A 72 11.20 13.30 38.97
CA THR A 72 10.50 12.09 39.38
C THR A 72 10.50 11.12 38.21
N LYS A 73 10.59 9.83 38.51
CA LYS A 73 10.45 8.81 37.48
C LYS A 73 9.63 7.65 38.05
N PHE A 74 8.57 7.27 37.33
CA PHE A 74 7.80 6.10 37.73
C PHE A 74 7.44 5.30 36.48
N GLN A 75 6.87 4.12 36.68
CA GLN A 75 6.68 3.18 35.59
C GLN A 75 5.37 2.45 35.76
N VAL A 76 4.50 2.55 34.76
CA VAL A 76 3.23 1.82 34.72
C VAL A 76 3.19 0.99 33.45
N ASP A 77 2.97 -0.32 33.61
CA ASP A 77 2.80 -1.29 32.51
C ASP A 77 3.98 -1.27 31.54
N LYS A 78 5.19 -1.24 32.11
CA LYS A 78 6.47 -1.15 31.39
C LYS A 78 6.56 0.10 30.52
N VAL A 79 5.85 1.16 30.89
CA VAL A 79 5.99 2.47 30.28
C VAL A 79 6.52 3.42 31.33
N ASN A 80 7.59 4.15 31.00
CA ASN A 80 8.28 5.00 31.94
C ASN A 80 7.85 6.45 31.78
N PHE A 81 7.39 7.05 32.87
CA PHE A 81 7.01 8.46 32.90
C PHE A 81 8.03 9.24 33.71
N HIS A 82 8.30 10.47 33.25
CA HIS A 82 9.37 11.31 33.77
C HIS A 82 8.79 12.69 34.06
N MET A 83 8.63 13.01 35.34
CA MET A 83 7.90 14.18 35.79
C MET A 83 8.85 15.27 36.27
N PHE A 84 8.69 16.47 35.72
CA PHE A 84 9.50 17.64 36.08
C PHE A 84 8.71 18.50 37.06
N ASP A 85 9.03 18.41 38.34
CA ASP A 85 8.34 19.19 39.37
C ASP A 85 8.88 20.61 39.34
N VAL A 86 8.12 21.52 38.72
CA VAL A 86 8.50 22.93 38.70
C VAL A 86 8.34 23.54 40.09
N GLY A 87 7.18 23.32 40.71
CA GLY A 87 6.87 23.88 42.01
C GLY A 87 5.62 24.74 41.95
N GLY A 88 5.65 25.85 42.68
CA GLY A 88 4.58 26.82 42.58
C GLY A 88 4.61 27.51 41.24
N GLN A 89 3.52 27.41 40.48
CA GLN A 89 3.45 28.07 39.18
C GLN A 89 3.34 29.58 39.36
N ARG A 90 4.14 30.31 38.58
CA ARG A 90 4.36 31.77 38.69
C ARG A 90 4.86 32.16 40.08
N ASP A 91 5.58 31.26 40.75
CA ASP A 91 6.20 31.53 42.03
C ASP A 91 7.71 31.37 41.99
N GLU A 92 8.20 30.22 41.51
CA GLU A 92 9.64 29.95 41.46
C GLU A 92 9.90 28.83 40.47
N ARG A 93 11.12 28.82 39.94
CA ARG A 93 11.67 27.77 39.07
C ARG A 93 10.87 27.58 37.79
N ARG A 94 10.25 28.66 37.29
CA ARG A 94 9.44 28.59 36.07
C ARG A 94 10.36 28.69 34.85
N LYS A 95 11.02 27.59 34.55
CA LYS A 95 11.94 27.48 33.41
C LYS A 95 11.31 26.54 32.40
N TRP A 96 10.49 27.08 31.50
CA TRP A 96 9.76 26.30 30.51
C TRP A 96 10.58 25.98 29.28
N ILE A 97 11.86 26.36 29.24
CA ILE A 97 12.69 26.15 28.06
C ILE A 97 12.98 24.67 27.86
N GLN A 98 13.25 23.96 28.95
CA GLN A 98 13.50 22.52 28.90
C GLN A 98 12.39 21.69 29.51
N CYS A 99 11.61 22.24 30.43
CA CYS A 99 10.54 21.48 31.07
C CYS A 99 9.34 21.30 30.14
N PHE A 100 9.02 22.33 29.36
CA PHE A 100 7.90 22.30 28.44
C PHE A 100 8.30 21.92 27.02
N ASN A 101 9.52 21.42 26.83
CA ASN A 101 10.02 21.09 25.50
C ASN A 101 9.52 19.70 25.12
N ASP A 102 8.50 19.67 24.24
CA ASP A 102 7.87 18.45 23.73
C ASP A 102 7.32 17.57 24.86
N VAL A 103 6.75 18.22 25.87
CA VAL A 103 6.15 17.50 26.98
C VAL A 103 4.85 16.84 26.52
N THR A 104 4.48 15.75 27.18
CA THR A 104 3.27 15.03 26.77
C THR A 104 2.03 15.68 27.39
N ALA A 105 2.06 15.95 28.69
CA ALA A 105 0.91 16.50 29.37
C ALA A 105 1.38 17.28 30.59
N ILE A 106 0.50 18.15 31.08
CA ILE A 106 0.73 18.95 32.27
C ILE A 106 -0.17 18.40 33.37
N ILE A 107 0.40 18.10 34.53
CA ILE A 107 -0.39 17.56 35.62
C ILE A 107 -0.63 18.64 36.67
N PHE A 108 -1.77 19.32 36.56
CA PHE A 108 -2.13 20.35 37.52
C PHE A 108 -2.74 19.71 38.76
N VAL A 109 -2.35 20.20 39.93
CA VAL A 109 -2.82 19.69 41.21
C VAL A 109 -3.51 20.82 41.96
N VAL A 110 -4.75 20.57 42.38
CA VAL A 110 -5.57 21.55 43.09
C VAL A 110 -5.92 20.98 44.45
N ASP A 111 -5.72 21.78 45.50
CA ASP A 111 -6.21 21.42 46.83
C ASP A 111 -7.69 21.75 46.91
N SER A 112 -8.52 20.74 47.12
CA SER A 112 -9.97 20.88 47.14
C SER A 112 -10.52 20.96 48.56
N SER A 113 -9.78 21.59 49.47
CA SER A 113 -10.25 21.74 50.85
C SER A 113 -10.26 23.20 51.26
N ASP A 114 -9.36 23.99 50.72
CA ASP A 114 -9.25 25.39 51.06
C ASP A 114 -10.02 26.25 50.05
N TYR A 115 -10.47 27.41 50.53
CA TYR A 115 -11.19 28.36 49.69
C TYR A 115 -10.54 29.73 49.59
N ASN A 116 -9.64 30.08 50.52
CA ASN A 116 -8.99 31.38 50.47
C ASN A 116 -7.94 31.47 49.36
N ARG A 117 -7.48 30.34 48.83
CA ARG A 117 -6.55 30.31 47.72
C ARG A 117 -7.11 29.58 46.52
N LEU A 118 -8.42 29.30 46.50
CA LEU A 118 -9.02 28.59 45.38
C LEU A 118 -9.11 29.49 44.15
N GLN A 119 -9.31 30.80 44.35
CA GLN A 119 -9.27 31.73 43.23
C GLN A 119 -7.86 31.89 42.69
N GLU A 120 -6.85 31.72 43.55
CA GLU A 120 -5.47 31.74 43.07
C GLU A 120 -5.18 30.55 42.17
N ALA A 121 -5.67 29.36 42.54
CA ALA A 121 -5.50 28.19 41.69
C ALA A 121 -6.33 28.28 40.42
N LEU A 122 -7.50 28.92 40.49
CA LEU A 122 -8.32 29.14 39.31
C LEU A 122 -7.64 30.09 38.32
N ASN A 123 -7.07 31.19 38.83
CA ASN A 123 -6.30 32.08 37.98
C ASN A 123 -5.02 31.43 37.46
N ASP A 124 -4.44 30.52 38.24
CA ASP A 124 -3.26 29.79 37.79
C ASP A 124 -3.60 28.86 36.63
N PHE A 125 -4.73 28.15 36.72
CA PHE A 125 -5.16 27.30 35.62
C PHE A 125 -5.62 28.13 34.42
N LYS A 126 -6.16 29.32 34.66
CA LYS A 126 -6.52 30.20 33.55
C LYS A 126 -5.29 30.73 32.84
N SER A 127 -4.20 30.98 33.57
CA SER A 127 -2.97 31.44 32.95
C SER A 127 -2.27 30.31 32.21
N ILE A 128 -2.25 29.11 32.80
CA ILE A 128 -1.52 27.99 32.20
C ILE A 128 -2.28 27.42 31.01
N TRP A 129 -3.61 27.30 31.12
CA TRP A 129 -4.41 26.65 30.10
C TRP A 129 -4.50 27.49 28.84
N ASN A 130 -4.74 28.80 28.99
CA ASN A 130 -4.94 29.65 27.82
C ASN A 130 -3.62 29.90 27.10
N ASN A 131 -2.68 30.58 27.77
CA ASN A 131 -1.37 30.86 27.17
C ASN A 131 -0.38 31.14 28.30
N ARG A 132 0.53 30.20 28.53
CA ARG A 132 1.69 30.41 29.37
C ARG A 132 2.91 29.77 28.73
N TRP A 133 3.01 29.92 27.40
CA TRP A 133 3.96 29.21 26.54
C TRP A 133 3.82 27.69 26.65
N LEU A 134 2.60 27.22 26.93
CA LEU A 134 2.28 25.79 26.98
C LEU A 134 1.00 25.60 26.15
N ARG A 135 1.16 25.43 24.85
CA ARG A 135 0.05 25.26 23.93
C ARG A 135 0.06 23.84 23.38
N THR A 136 -1.12 23.40 22.93
CA THR A 136 -1.51 22.01 22.61
C THR A 136 -0.86 20.99 23.54
N ILE A 137 -0.93 21.26 24.85
CA ILE A 137 -0.47 20.37 25.90
C ILE A 137 -1.66 20.13 26.82
N SER A 138 -2.18 18.91 26.80
CA SER A 138 -3.38 18.58 27.56
C SER A 138 -3.09 18.54 29.05
N VAL A 139 -4.06 18.97 29.84
CA VAL A 139 -3.89 19.11 31.28
C VAL A 139 -4.67 18.00 31.98
N ILE A 140 -3.97 17.21 32.79
CA ILE A 140 -4.57 16.22 33.65
C ILE A 140 -4.72 16.84 35.02
N LEU A 141 -5.95 17.20 35.38
CA LEU A 141 -6.21 17.94 36.60
C LEU A 141 -6.48 16.99 37.74
N PHE A 142 -5.87 17.26 38.89
CA PHE A 142 -6.02 16.44 40.09
C PHE A 142 -6.59 17.30 41.21
N LEU A 143 -7.91 17.23 41.43
CA LEU A 143 -8.55 17.93 42.53
C LEU A 143 -8.26 17.14 43.81
N ASN A 144 -7.08 17.40 44.36
CA ASN A 144 -6.53 16.59 45.44
C ASN A 144 -7.23 16.88 46.76
N LYS A 145 -6.95 16.03 47.74
CA LYS A 145 -7.50 16.08 49.11
C LYS A 145 -9.03 16.03 49.10
N GLN A 146 -9.56 14.97 48.48
CA GLN A 146 -11.00 14.80 48.42
C GLN A 146 -11.57 14.37 49.76
N ASP A 147 -10.79 13.67 50.58
CA ASP A 147 -11.23 13.29 51.92
C ASP A 147 -11.22 14.47 52.87
N LEU A 148 -10.44 15.52 52.59
CA LEU A 148 -10.43 16.74 53.38
C LEU A 148 -11.52 17.73 52.97
N LEU A 149 -12.44 17.31 52.10
CA LEU A 149 -13.57 18.12 51.68
C LEU A 149 -14.89 17.66 52.27
N ALA A 150 -15.11 16.35 52.36
CA ALA A 150 -16.35 15.83 52.92
C ALA A 150 -16.44 16.03 54.41
N GLU A 151 -15.30 16.17 55.10
CA GLU A 151 -15.32 16.47 56.52
C GLU A 151 -15.69 17.92 56.78
N LYS A 152 -15.31 18.83 55.89
CA LYS A 152 -15.60 20.25 56.04
C LYS A 152 -16.94 20.66 55.45
N VAL A 153 -17.58 19.78 54.68
CA VAL A 153 -18.87 20.09 54.07
C VAL A 153 -20.00 19.81 55.05
N ARG A 185 -25.56 14.01 48.77
CA ARG A 185 -25.04 15.24 49.35
C ARG A 185 -23.57 15.40 49.02
N VAL A 186 -22.88 14.28 48.78
CA VAL A 186 -21.47 14.29 48.43
C VAL A 186 -21.23 14.50 46.94
N THR A 187 -22.30 14.61 46.15
CA THR A 187 -22.14 14.86 44.72
C THR A 187 -21.95 16.35 44.44
N ARG A 188 -22.87 17.18 44.95
CA ARG A 188 -22.76 18.62 44.75
C ARG A 188 -21.66 19.26 45.60
N ALA A 189 -21.08 18.53 46.55
CA ALA A 189 -19.99 19.07 47.35
C ALA A 189 -18.68 19.10 46.58
N LYS A 190 -18.52 18.29 45.54
CA LYS A 190 -17.26 18.20 44.82
C LYS A 190 -17.38 18.41 43.32
N TYR A 191 -18.59 18.60 42.78
CA TYR A 191 -18.74 18.77 41.34
C TYR A 191 -18.75 20.24 40.92
N PHE A 192 -19.11 21.15 41.82
CA PHE A 192 -19.04 22.58 41.52
C PHE A 192 -17.60 23.03 41.30
N ILE A 193 -16.69 22.53 42.13
CA ILE A 193 -15.27 22.85 42.04
C ILE A 193 -14.68 22.33 40.74
N ARG A 194 -15.10 21.13 40.33
CA ARG A 194 -14.69 20.62 39.02
C ARG A 194 -15.32 21.41 37.89
N ASP A 195 -16.52 21.94 38.12
CA ASP A 195 -17.23 22.69 37.08
C ASP A 195 -16.57 24.03 36.79
N GLU A 196 -15.97 24.67 37.80
CA GLU A 196 -15.23 25.92 37.50
C GLU A 196 -13.99 25.65 36.65
N PHE A 197 -13.25 24.59 36.96
CA PHE A 197 -12.06 24.27 36.17
C PHE A 197 -12.42 23.79 34.78
N LEU A 198 -13.57 23.12 34.63
CA LEU A 198 -14.03 22.74 33.30
C LEU A 198 -14.57 23.93 32.52
N ARG A 199 -15.14 24.92 33.21
CA ARG A 199 -15.55 26.15 32.55
C ARG A 199 -14.35 26.94 32.05
N ILE A 200 -13.25 26.92 32.80
CA ILE A 200 -12.03 27.53 32.31
C ILE A 200 -11.45 26.72 31.15
N SER A 201 -11.53 25.39 31.22
CA SER A 201 -10.95 24.54 30.18
C SER A 201 -11.77 24.54 28.90
N THR A 202 -13.02 25.00 28.93
CA THR A 202 -13.85 25.05 27.72
C THR A 202 -13.95 26.45 27.15
N ALA A 203 -12.85 27.21 27.19
CA ALA A 203 -12.79 28.52 26.58
C ALA A 203 -11.73 28.65 25.50
N SER A 204 -10.74 27.76 25.47
CA SER A 204 -9.69 27.83 24.46
C SER A 204 -9.29 26.45 23.94
N GLY A 205 -10.14 25.45 24.09
CA GLY A 205 -9.80 24.11 23.64
C GLY A 205 -9.76 23.95 22.13
N ASP A 206 -10.94 24.02 21.50
CA ASP A 206 -11.14 23.96 20.05
C ASP A 206 -10.54 22.69 19.42
N GLY A 207 -10.51 21.60 20.18
CA GLY A 207 -9.99 20.34 19.68
C GLY A 207 -8.48 20.23 19.63
N ARG A 208 -7.75 21.22 20.13
CA ARG A 208 -6.29 21.15 20.11
C ARG A 208 -5.78 20.24 21.22
N HIS A 209 -6.34 20.34 22.42
CA HIS A 209 -5.88 19.56 23.56
C HIS A 209 -7.03 19.47 24.57
N TYR A 210 -7.06 18.34 25.29
CA TYR A 210 -8.14 18.02 26.19
C TYR A 210 -7.79 18.44 27.61
N CYS A 211 -8.71 18.17 28.54
CA CYS A 211 -8.47 18.31 29.97
C CYS A 211 -9.16 17.16 30.67
N TYR A 212 -8.42 16.46 31.54
CA TYR A 212 -8.88 15.23 32.19
C TYR A 212 -8.94 15.48 33.69
N PRO A 213 -10.09 15.84 34.25
CA PRO A 213 -10.17 16.11 35.69
C PRO A 213 -10.48 14.85 36.49
N HIS A 214 -9.82 14.76 37.65
CA HIS A 214 -9.95 13.61 38.54
C HIS A 214 -10.15 14.08 39.96
N PHE A 215 -10.90 13.27 40.73
CA PHE A 215 -11.13 13.50 42.15
C PHE A 215 -10.23 12.54 42.92
N THR A 216 -9.09 13.05 43.39
CA THR A 216 -8.09 12.23 44.05
C THR A 216 -7.95 12.65 45.51
N CYS A 217 -7.41 11.73 46.31
CA CYS A 217 -7.12 12.00 47.71
C CYS A 217 -5.86 11.26 48.11
N ALA A 218 -5.34 11.60 49.29
CA ALA A 218 -4.05 11.07 49.73
C ALA A 218 -4.13 9.60 50.13
N VAL A 219 -5.33 9.08 50.38
CA VAL A 219 -5.50 7.67 50.75
C VAL A 219 -5.81 6.86 49.50
N ASP A 220 -5.66 7.47 48.33
CA ASP A 220 -5.88 6.82 47.04
C ASP A 220 -4.58 6.90 46.25
N THR A 221 -3.83 5.80 46.22
CA THR A 221 -2.58 5.71 45.48
C THR A 221 -2.75 5.05 44.12
N GLU A 222 -3.95 5.14 43.55
CA GLU A 222 -4.24 4.62 42.21
C GLU A 222 -4.17 5.70 41.15
N ASN A 223 -3.41 6.78 41.41
CA ASN A 223 -3.30 7.89 40.47
C ASN A 223 -2.41 7.59 39.29
N ALA A 224 -1.49 6.63 39.42
CA ALA A 224 -0.61 6.27 38.31
C ALA A 224 -1.38 5.59 37.20
N ARG A 225 -2.41 4.83 37.55
CA ARG A 225 -3.30 4.24 36.54
C ARG A 225 -4.05 5.32 35.78
N ARG A 226 -4.46 6.38 36.48
CA ARG A 226 -5.15 7.49 35.84
C ARG A 226 -4.21 8.28 34.93
N ILE A 227 -2.97 8.50 35.37
CA ILE A 227 -1.99 9.20 34.53
C ILE A 227 -1.66 8.36 33.29
N PHE A 228 -1.55 7.04 33.47
CA PHE A 228 -1.31 6.13 32.35
C PHE A 228 -2.45 6.17 31.35
N ASN A 229 -3.70 6.11 31.83
CA ASN A 229 -4.83 6.09 30.91
C ASN A 229 -5.06 7.43 30.24
N ASP A 230 -4.76 8.54 30.93
CA ASP A 230 -4.92 9.85 30.32
C ASP A 230 -3.85 10.11 29.26
N CYS A 231 -2.60 9.68 29.52
CA CYS A 231 -1.57 9.78 28.49
C CYS A 231 -1.85 8.84 27.31
N LYS A 232 -2.43 7.67 27.60
CA LYS A 232 -2.83 6.75 26.54
C LYS A 232 -3.90 7.37 25.65
N ASP A 233 -4.87 8.06 26.24
CA ASP A 233 -5.91 8.71 25.46
C ASP A 233 -5.37 9.92 24.71
N ILE A 234 -4.40 10.65 25.29
CA ILE A 234 -3.77 11.78 24.61
C ILE A 234 -3.05 11.31 23.35
N ILE A 235 -2.26 10.24 23.47
CA ILE A 235 -1.50 9.79 22.32
C ILE A 235 -2.39 9.05 21.32
N LEU A 236 -3.49 8.44 21.79
CA LEU A 236 -4.47 7.86 20.88
C LEU A 236 -5.18 8.92 20.05
N GLN A 237 -5.54 10.05 20.67
CA GLN A 237 -6.13 11.15 19.92
C GLN A 237 -5.12 11.80 18.99
N MET A 238 -3.83 11.81 19.37
CA MET A 238 -2.79 12.29 18.46
C MET A 238 -2.66 11.41 17.23
N ASN A 239 -2.73 10.09 17.41
CA ASN A 239 -2.68 9.17 16.28
C ASN A 239 -3.95 9.24 15.43
N LEU A 240 -5.10 9.50 16.05
CA LEU A 240 -6.33 9.66 15.29
C LEU A 240 -6.31 10.94 14.46
N ARG A 241 -5.79 12.03 15.03
CA ARG A 241 -5.63 13.26 14.27
C ARG A 241 -4.57 13.12 13.18
N GLU A 242 -3.57 12.27 13.40
CA GLU A 242 -2.55 12.07 12.39
C GLU A 242 -3.10 11.32 11.18
N TYR A 243 -3.75 10.18 11.39
CA TYR A 243 -4.24 9.35 10.30
C TYR A 243 -5.52 9.87 9.64
N ASN A 244 -5.92 11.11 9.93
CA ASN A 244 -7.09 11.78 9.37
C ASN A 244 -8.39 11.06 9.69
N LEU A 245 -8.45 10.42 10.85
CA LEU A 245 -9.69 9.80 11.29
C LEU A 245 -10.55 10.74 12.12
N VAL A 246 -9.97 11.81 12.66
CA VAL A 246 -10.71 12.91 13.24
C VAL A 246 -10.16 14.23 12.72
N SER B 48 -4.57 6.77 -35.52
CA SER B 48 -5.58 7.79 -35.27
C SER B 48 -5.91 7.84 -33.78
N LYS B 49 -6.55 6.78 -33.28
CA LYS B 49 -6.84 6.66 -31.86
C LYS B 49 -5.65 6.18 -31.05
N ALA B 50 -4.57 5.74 -31.72
CA ALA B 50 -3.38 5.31 -31.02
C ALA B 50 -2.69 6.48 -30.32
N ILE B 51 -2.64 7.64 -30.97
CA ILE B 51 -2.06 8.84 -30.36
C ILE B 51 -2.93 9.33 -29.20
N LEU B 52 -4.25 9.20 -29.34
CA LEU B 52 -5.19 9.61 -28.28
C LEU B 52 -5.04 8.74 -27.03
N LEU B 53 -5.12 7.42 -27.22
CA LEU B 53 -4.96 6.50 -26.10
C LEU B 53 -3.56 6.56 -25.51
N GLY B 54 -2.54 6.79 -26.36
CA GLY B 54 -1.19 6.91 -25.86
C GLY B 54 -0.96 8.18 -25.08
N VAL B 55 -1.61 9.28 -25.44
CA VAL B 55 -1.37 10.50 -24.71
C VAL B 55 -2.16 10.52 -23.39
N ILE B 56 -3.32 9.86 -23.32
CA ILE B 56 -3.95 9.76 -22.00
C ILE B 56 -3.23 8.73 -21.12
N LEU B 57 -2.64 7.69 -21.73
CA LEU B 57 -1.82 6.76 -20.96
C LEU B 57 -0.57 7.43 -20.43
N GLY B 58 0.12 8.20 -21.27
CA GLY B 58 1.30 8.92 -20.83
C GLY B 58 1.00 10.01 -19.82
N GLY B 59 -0.19 10.60 -19.89
CA GLY B 59 -0.62 11.50 -18.82
C GLY B 59 -0.77 10.79 -17.50
N LEU B 60 -1.33 9.58 -17.52
CA LEU B 60 -1.39 8.77 -16.29
C LEU B 60 0.01 8.38 -15.81
N ILE B 61 0.94 8.12 -16.73
CA ILE B 61 2.31 7.73 -16.35
C ILE B 61 3.01 8.89 -15.67
N LEU B 62 2.91 10.09 -16.26
CA LEU B 62 3.55 11.27 -15.68
C LEU B 62 2.91 11.67 -14.36
N PHE B 63 1.59 11.49 -14.22
CA PHE B 63 0.94 11.78 -12.94
C PHE B 63 1.42 10.83 -11.85
N GLY B 64 1.51 9.53 -12.15
CA GLY B 64 1.98 8.58 -11.15
C GLY B 64 3.44 8.79 -10.78
N VAL B 65 4.28 9.10 -11.77
CA VAL B 65 5.71 9.33 -11.52
C VAL B 65 5.91 10.59 -10.69
N LEU B 66 5.20 11.67 -11.02
CA LEU B 66 5.36 12.92 -10.29
C LEU B 66 4.82 12.80 -8.86
N GLY B 67 3.69 12.12 -8.68
CA GLY B 67 3.18 11.90 -7.33
C GLY B 67 4.10 11.06 -6.47
N ASN B 68 4.61 9.95 -7.03
CA ASN B 68 5.45 9.07 -6.24
C ASN B 68 6.86 9.62 -6.04
N ILE B 69 7.31 10.57 -6.87
CA ILE B 69 8.56 11.23 -6.55
C ILE B 69 8.34 12.39 -5.56
N LEU B 70 7.13 12.94 -5.50
CA LEU B 70 6.83 13.96 -4.50
C LEU B 70 6.72 13.36 -3.11
N VAL B 71 6.17 12.14 -3.00
CA VAL B 71 6.11 11.46 -1.70
C VAL B 71 7.51 11.16 -1.17
N ILE B 72 8.43 10.79 -2.05
CA ILE B 72 9.80 10.52 -1.62
C ILE B 72 10.52 11.81 -1.28
N LEU B 73 10.31 12.87 -2.07
CA LEU B 73 10.95 14.15 -1.80
C LEU B 73 10.42 14.82 -0.54
N SER B 74 9.20 14.48 -0.10
CA SER B 74 8.69 15.01 1.15
C SER B 74 9.44 14.47 2.37
N VAL B 75 10.15 13.34 2.24
CA VAL B 75 10.91 12.79 3.33
C VAL B 75 12.43 12.96 3.14
N ALA B 76 12.91 12.92 1.89
CA ALA B 76 14.34 13.01 1.64
C ALA B 76 14.91 14.41 1.92
N CYS B 77 14.06 15.42 2.03
CA CYS B 77 14.50 16.76 2.36
C CYS B 77 14.03 17.23 3.73
N HIS B 78 12.85 16.81 4.18
CA HIS B 78 12.33 17.18 5.49
C HIS B 78 12.78 16.13 6.49
N ARG B 79 13.84 16.44 7.25
CA ARG B 79 14.48 15.48 8.14
C ARG B 79 13.71 15.24 9.43
N HIS B 80 12.58 15.91 9.65
CA HIS B 80 11.76 15.64 10.81
C HIS B 80 10.77 14.51 10.59
N LEU B 81 10.75 13.93 9.38
CA LEU B 81 10.02 12.69 9.10
C LEU B 81 11.04 11.55 9.09
N HIS B 82 11.11 10.80 10.20
CA HIS B 82 12.13 9.78 10.35
C HIS B 82 11.64 8.51 11.04
N SER B 83 10.34 8.31 11.17
CA SER B 83 9.81 7.18 11.93
C SER B 83 9.47 6.02 11.00
N VAL B 84 9.03 4.90 11.59
CA VAL B 84 8.71 3.70 10.83
C VAL B 84 7.41 3.90 10.06
N THR B 85 6.48 4.69 10.61
CA THR B 85 5.22 4.99 9.94
C THR B 85 5.46 5.75 8.64
N HIS B 86 6.49 6.58 8.59
CA HIS B 86 6.81 7.30 7.37
C HIS B 86 7.58 6.43 6.39
N TYR B 87 8.39 5.50 6.88
CA TYR B 87 9.09 4.57 6.00
C TYR B 87 8.13 3.59 5.34
N TYR B 88 7.01 3.29 6.01
CA TYR B 88 6.00 2.41 5.41
C TYR B 88 5.26 3.10 4.28
N ILE B 89 5.26 4.42 4.22
CA ILE B 89 4.75 5.15 3.07
C ILE B 89 5.84 5.37 2.03
N VAL B 90 7.09 5.50 2.48
CA VAL B 90 8.22 5.69 1.57
C VAL B 90 8.44 4.45 0.71
N ASN B 91 8.33 3.25 1.28
CA ASN B 91 8.55 2.07 0.45
C ASN B 91 7.38 1.80 -0.50
N LEU B 92 6.17 2.19 -0.10
CA LEU B 92 5.03 2.13 -1.02
C LEU B 92 5.22 3.08 -2.18
N ALA B 93 5.73 4.29 -1.92
CA ALA B 93 6.06 5.22 -2.99
C ALA B 93 7.21 4.71 -3.84
N VAL B 94 8.14 3.96 -3.26
CA VAL B 94 9.26 3.40 -4.01
C VAL B 94 8.77 2.31 -4.96
N ALA B 95 7.88 1.43 -4.48
CA ALA B 95 7.32 0.38 -5.33
C ALA B 95 6.45 0.96 -6.44
N ASP B 96 5.62 1.95 -6.11
CA ASP B 96 4.78 2.58 -7.13
C ASP B 96 5.59 3.42 -8.10
N LEU B 97 6.73 3.97 -7.66
CA LEU B 97 7.59 4.72 -8.56
C LEU B 97 8.35 3.81 -9.50
N LEU B 98 8.79 2.65 -9.01
CA LEU B 98 9.42 1.66 -9.87
C LEU B 98 8.44 1.12 -10.90
N LEU B 99 7.17 0.94 -10.50
CA LEU B 99 6.17 0.49 -11.45
C LEU B 99 5.84 1.56 -12.49
N THR B 100 5.60 2.79 -12.05
CA THR B 100 5.21 3.85 -12.97
C THR B 100 6.37 4.38 -13.80
N SER B 101 7.62 4.11 -13.41
CA SER B 101 8.78 4.57 -14.15
C SER B 101 9.35 3.50 -15.06
N THR B 102 9.55 2.28 -14.56
CA THR B 102 10.24 1.25 -15.32
C THR B 102 9.32 0.31 -16.06
N VAL B 103 8.13 0.02 -15.51
CA VAL B 103 7.24 -0.96 -16.11
C VAL B 103 6.28 -0.28 -17.06
N LEU B 104 5.62 0.76 -16.56
CA LEU B 104 4.43 1.30 -17.22
C LEU B 104 4.64 2.00 -18.57
N PRO B 105 5.78 2.65 -18.88
CA PRO B 105 5.98 3.09 -20.28
C PRO B 105 5.98 1.95 -21.28
N PHE B 106 6.55 0.80 -20.92
CA PHE B 106 6.56 -0.34 -21.83
C PHE B 106 5.19 -0.98 -21.95
N SER B 107 4.36 -0.89 -20.89
CA SER B 107 2.98 -1.32 -20.99
C SER B 107 2.19 -0.41 -21.93
N ALA B 108 2.45 0.90 -21.87
CA ALA B 108 1.78 1.83 -22.77
C ALA B 108 2.19 1.62 -24.22
N ILE B 109 3.48 1.37 -24.46
CA ILE B 109 3.97 1.10 -25.81
C ILE B 109 3.39 -0.22 -26.34
N PHE B 110 3.34 -1.25 -25.49
CA PHE B 110 2.74 -2.53 -25.86
C PHE B 110 1.24 -2.38 -26.15
N GLU B 111 0.57 -1.48 -25.46
CA GLU B 111 -0.86 -1.28 -25.72
C GLU B 111 -1.10 -0.51 -27.01
N VAL B 112 -0.31 0.54 -27.28
CA VAL B 112 -0.60 1.33 -28.47
C VAL B 112 -0.04 0.71 -29.74
N LEU B 113 1.04 -0.08 -29.66
CA LEU B 113 1.58 -0.70 -30.86
C LEU B 113 0.80 -1.95 -31.25
N GLY B 114 0.49 -2.79 -30.28
CA GLY B 114 -0.12 -4.07 -30.51
C GLY B 114 0.82 -5.24 -30.37
N TYR B 115 2.13 -5.00 -30.48
CA TYR B 115 3.15 -6.04 -30.37
C TYR B 115 4.27 -5.55 -29.46
N TRP B 116 5.19 -6.45 -29.16
CA TRP B 116 6.33 -6.16 -28.29
C TRP B 116 7.55 -5.89 -29.17
N ALA B 117 7.98 -4.63 -29.21
CA ALA B 117 9.00 -4.20 -30.16
C ALA B 117 10.42 -4.42 -29.67
N PHE B 118 10.61 -4.88 -28.46
CA PHE B 118 11.92 -5.16 -27.89
C PHE B 118 12.16 -6.67 -27.89
N GLY B 119 13.23 -7.11 -27.25
CA GLY B 119 13.61 -8.50 -27.27
C GLY B 119 12.73 -9.38 -26.41
N ARG B 120 13.16 -10.63 -26.28
CA ARG B 120 12.51 -11.59 -25.38
C ARG B 120 13.05 -11.50 -23.97
N VAL B 121 14.34 -11.17 -23.81
CA VAL B 121 14.87 -11.01 -22.46
C VAL B 121 14.33 -9.74 -21.81
N PHE B 122 14.04 -8.71 -22.61
CA PHE B 122 13.39 -7.51 -22.10
C PHE B 122 11.95 -7.79 -21.70
N CYS B 123 11.27 -8.68 -22.44
CA CYS B 123 9.92 -9.10 -22.07
C CYS B 123 9.91 -9.88 -20.77
N ASN B 124 10.89 -10.76 -20.57
CA ASN B 124 10.98 -11.53 -19.33
C ASN B 124 11.29 -10.63 -18.14
N ILE B 125 12.24 -9.71 -18.30
CA ILE B 125 12.57 -8.73 -17.26
C ILE B 125 11.36 -7.85 -16.94
N TRP B 126 10.63 -7.40 -17.97
CA TRP B 126 9.50 -6.51 -17.78
C TRP B 126 8.34 -7.21 -17.06
N ALA B 127 8.08 -8.48 -17.40
CA ALA B 127 7.01 -9.21 -16.73
C ALA B 127 7.37 -9.53 -15.28
N ALA B 128 8.64 -9.88 -15.02
CA ALA B 128 9.09 -10.15 -13.66
C ALA B 128 9.00 -8.90 -12.79
N VAL B 129 9.49 -7.77 -13.30
CA VAL B 129 9.46 -6.52 -12.53
C VAL B 129 8.03 -6.02 -12.36
N ASP B 130 7.16 -6.29 -13.34
CA ASP B 130 5.74 -5.94 -13.23
C ASP B 130 5.06 -6.67 -12.06
N VAL B 131 5.19 -7.99 -12.02
CA VAL B 131 4.61 -8.79 -10.94
C VAL B 131 5.24 -8.42 -9.60
N LEU B 132 6.56 -8.16 -9.58
CA LEU B 132 7.26 -7.84 -8.34
C LEU B 132 6.80 -6.51 -7.76
N CYS B 133 6.71 -5.48 -8.60
CA CYS B 133 6.34 -4.16 -8.10
C CYS B 133 4.87 -4.08 -7.70
N CYS B 134 3.99 -4.79 -8.42
CA CYS B 134 2.58 -4.77 -8.02
C CYS B 134 2.35 -5.55 -6.72
N THR B 135 3.04 -6.69 -6.56
CA THR B 135 2.93 -7.46 -5.32
C THR B 135 3.52 -6.72 -4.14
N ALA B 136 4.65 -6.02 -4.35
CA ALA B 136 5.24 -5.23 -3.29
C ALA B 136 4.39 -4.03 -2.92
N SER B 137 3.64 -3.47 -3.88
CA SER B 137 2.71 -2.39 -3.57
C SER B 137 1.55 -2.88 -2.70
N ILE B 138 0.97 -4.04 -3.06
CA ILE B 138 -0.12 -4.61 -2.26
C ILE B 138 0.33 -4.97 -0.85
N MET B 139 1.55 -5.51 -0.72
CA MET B 139 2.04 -5.84 0.61
C MET B 139 2.49 -4.62 1.40
N GLY B 140 2.87 -3.53 0.72
CA GLY B 140 3.06 -2.28 1.41
C GLY B 140 1.78 -1.71 1.98
N LEU B 141 0.68 -1.82 1.25
CA LEU B 141 -0.64 -1.49 1.79
C LEU B 141 -1.01 -2.34 3.00
N CYS B 142 -0.73 -3.65 2.93
CA CYS B 142 -0.97 -4.55 4.06
C CYS B 142 -0.16 -4.16 5.31
N ILE B 143 1.13 -3.87 5.17
CA ILE B 143 1.90 -3.51 6.36
C ILE B 143 1.60 -2.10 6.86
N ILE B 144 1.13 -1.19 6.00
CA ILE B 144 0.60 0.09 6.46
C ILE B 144 -0.63 -0.14 7.32
N SER B 145 -1.51 -1.05 6.90
CA SER B 145 -2.71 -1.37 7.65
C SER B 145 -2.40 -1.97 9.02
N ILE B 146 -1.41 -2.88 9.06
CA ILE B 146 -1.02 -3.50 10.33
C ILE B 146 -0.40 -2.47 11.27
N ASP B 147 0.45 -1.59 10.72
CA ASP B 147 1.06 -0.52 11.51
C ASP B 147 0.03 0.42 12.11
N ARG B 148 -1.00 0.79 11.33
CA ARG B 148 -2.05 1.66 11.86
C ARG B 148 -2.91 0.96 12.90
N TYR B 149 -3.13 -0.36 12.75
CA TYR B 149 -3.89 -1.09 13.76
C TYR B 149 -3.15 -1.11 15.10
N ILE B 150 -1.87 -1.50 15.11
CA ILE B 150 -1.17 -1.56 16.39
C ILE B 150 -0.57 -0.21 16.74
N GLY B 151 -0.94 0.84 16.00
CA GLY B 151 -0.72 2.20 16.44
C GLY B 151 -1.91 2.81 17.14
N VAL B 152 -3.14 2.44 16.73
CA VAL B 152 -4.31 2.96 17.44
C VAL B 152 -4.80 2.04 18.54
N SER B 153 -4.28 0.81 18.64
CA SER B 153 -4.67 -0.10 19.70
C SER B 153 -3.71 -0.10 20.87
N TYR B 154 -2.43 0.20 20.64
CA TYR B 154 -1.42 0.30 21.69
C TYR B 154 -0.69 1.61 21.47
N PRO B 155 -1.24 2.74 21.93
CA PRO B 155 -0.59 4.03 21.67
C PRO B 155 0.68 4.23 22.46
N LEU B 156 0.71 3.82 23.73
CA LEU B 156 1.88 4.02 24.55
C LEU B 156 2.93 2.94 24.32
N ARG B 157 2.49 1.71 24.06
CA ARG B 157 3.36 0.57 23.84
C ARG B 157 3.70 0.37 22.37
N TYR B 158 3.63 1.43 21.57
CA TYR B 158 3.99 1.38 20.16
C TYR B 158 5.50 1.43 19.88
N PRO B 159 6.34 2.24 20.55
CA PRO B 159 7.78 2.17 20.25
C PRO B 159 8.46 0.93 20.79
N THR B 160 7.78 0.08 21.56
CA THR B 160 8.35 -1.18 22.00
C THR B 160 7.81 -2.37 21.20
N ILE B 161 6.75 -2.18 20.43
CA ILE B 161 6.19 -3.26 19.61
C ILE B 161 6.44 -3.03 18.12
N VAL B 162 6.72 -1.81 17.68
CA VAL B 162 7.16 -1.53 16.32
C VAL B 162 8.47 -0.76 16.45
N THR B 163 9.58 -1.48 16.46
CA THR B 163 10.88 -0.84 16.62
C THR B 163 11.47 -0.52 15.25
N GLN B 164 12.68 0.05 15.27
CA GLN B 164 13.39 0.36 14.03
C GLN B 164 13.96 -0.88 13.35
N ARG B 165 13.93 -2.03 14.01
CA ARG B 165 14.43 -3.29 13.46
C ARG B 165 13.33 -4.19 12.95
N ARG B 166 12.16 -4.18 13.59
CA ARG B 166 11.07 -5.05 13.13
C ARG B 166 10.36 -4.48 11.90
N GLY B 167 10.38 -3.16 11.73
CA GLY B 167 9.83 -2.58 10.51
C GLY B 167 10.72 -2.84 9.31
N LEU B 168 12.03 -2.78 9.52
CA LEU B 168 12.98 -3.16 8.48
C LEU B 168 12.85 -4.62 8.11
N MET B 169 12.62 -5.50 9.09
CA MET B 169 12.43 -6.90 8.80
C MET B 169 11.09 -7.16 8.12
N ALA B 170 10.08 -6.33 8.40
CA ALA B 170 8.81 -6.46 7.69
C ALA B 170 8.92 -6.04 6.23
N LEU B 171 9.68 -4.97 5.96
CA LEU B 171 9.99 -4.59 4.57
C LEU B 171 10.77 -5.69 3.85
N LEU B 172 11.76 -6.27 4.53
CA LEU B 172 12.53 -7.37 3.97
C LEU B 172 11.65 -8.56 3.64
N CYS B 173 10.72 -8.91 4.53
CA CYS B 173 9.89 -10.09 4.31
C CYS B 173 8.75 -9.84 3.32
N VAL B 174 8.33 -8.60 3.09
CA VAL B 174 7.37 -8.39 2.01
C VAL B 174 8.06 -8.29 0.65
N TRP B 175 9.25 -7.71 0.57
CA TRP B 175 9.96 -7.65 -0.70
C TRP B 175 10.51 -8.99 -1.11
N ALA B 176 10.90 -9.84 -0.14
CA ALA B 176 11.36 -11.18 -0.47
C ALA B 176 10.23 -12.05 -0.99
N LEU B 177 9.02 -11.88 -0.45
CA LEU B 177 7.90 -12.70 -0.92
C LEU B 177 7.41 -12.22 -2.28
N SER B 178 7.47 -10.90 -2.51
CA SER B 178 7.19 -10.36 -3.85
C SER B 178 8.18 -10.89 -4.88
N LEU B 179 9.46 -10.95 -4.50
CA LEU B 179 10.48 -11.46 -5.41
C LEU B 179 10.38 -12.97 -5.58
N VAL B 180 9.86 -13.69 -4.60
CA VAL B 180 9.67 -15.13 -4.76
C VAL B 180 8.51 -15.40 -5.71
N ILE B 181 7.44 -14.61 -5.61
CA ILE B 181 6.30 -14.77 -6.52
C ILE B 181 6.68 -14.37 -7.95
N SER B 182 7.45 -13.30 -8.12
CA SER B 182 7.74 -12.79 -9.46
C SER B 182 8.75 -13.64 -10.22
N ILE B 183 9.65 -14.34 -9.53
CA ILE B 183 10.64 -15.21 -10.15
C ILE B 183 10.11 -16.64 -10.03
N GLY B 184 8.80 -16.77 -9.92
CA GLY B 184 8.12 -18.03 -10.08
C GLY B 184 8.28 -18.67 -11.45
N PRO B 185 7.75 -18.05 -12.52
CA PRO B 185 7.86 -18.67 -13.85
C PRO B 185 9.24 -18.59 -14.47
N LEU B 186 10.20 -17.93 -13.84
CA LEU B 186 11.51 -17.78 -14.46
C LEU B 186 12.36 -19.04 -14.39
N PHE B 187 12.01 -20.01 -13.55
CA PHE B 187 12.71 -21.28 -13.72
C PHE B 187 11.79 -22.50 -13.80
N GLY B 188 10.70 -22.53 -13.04
CA GLY B 188 9.91 -23.75 -12.98
C GLY B 188 8.43 -23.68 -13.30
N TRP B 189 7.81 -22.52 -13.11
CA TRP B 189 6.36 -22.39 -13.11
C TRP B 189 5.80 -21.98 -14.46
N ARG B 190 6.45 -22.37 -15.55
CA ARG B 190 6.13 -21.85 -16.87
C ARG B 190 5.86 -22.99 -17.84
N GLN B 191 4.68 -22.96 -18.47
CA GLN B 191 4.45 -23.79 -19.64
C GLN B 191 5.23 -23.20 -20.81
N PRO B 192 5.66 -24.04 -21.80
CA PRO B 192 6.55 -23.54 -22.86
C PRO B 192 5.91 -22.50 -23.78
N ALA B 193 6.38 -21.27 -23.65
CA ALA B 193 5.84 -20.16 -24.41
C ALA B 193 6.27 -20.25 -25.86
N PRO B 194 5.51 -19.63 -26.77
CA PRO B 194 5.97 -19.53 -28.16
C PRO B 194 7.20 -18.65 -28.29
N GLU B 195 8.05 -19.01 -29.25
CA GLU B 195 9.35 -18.38 -29.45
C GLU B 195 9.31 -17.14 -30.32
N ASP B 196 8.12 -16.60 -30.59
CA ASP B 196 8.00 -15.35 -31.32
C ASP B 196 8.46 -14.20 -30.44
N GLU B 197 9.40 -13.40 -30.94
CA GLU B 197 9.96 -12.32 -30.14
C GLU B 197 9.03 -11.14 -29.98
N THR B 198 8.03 -10.98 -30.85
CA THR B 198 7.14 -9.84 -30.82
C THR B 198 5.84 -10.14 -30.08
N ILE B 199 5.84 -11.14 -29.20
CA ILE B 199 4.77 -11.33 -28.24
C ILE B 199 5.39 -11.27 -26.85
N CYS B 200 4.57 -10.91 -25.87
CA CYS B 200 5.02 -10.92 -24.48
C CYS B 200 3.85 -11.46 -23.66
N GLN B 201 3.79 -12.77 -23.51
CA GLN B 201 2.69 -13.44 -22.85
C GLN B 201 2.95 -13.54 -21.35
N ILE B 202 1.98 -13.10 -20.55
CA ILE B 202 2.08 -13.30 -19.11
C ILE B 202 1.84 -14.77 -18.79
N ASN B 203 2.32 -15.19 -17.62
CA ASN B 203 2.13 -16.57 -17.20
C ASN B 203 0.76 -16.73 -16.57
N GLU B 204 -0.01 -17.70 -17.07
CA GLU B 204 -1.36 -17.96 -16.61
C GLU B 204 -1.56 -19.42 -16.32
N GLU B 205 -0.63 -20.01 -15.60
CA GLU B 205 -0.76 -21.41 -15.27
C GLU B 205 -1.76 -21.60 -14.13
N PRO B 206 -2.68 -22.56 -14.24
CA PRO B 206 -3.58 -22.84 -13.12
C PRO B 206 -2.84 -23.55 -12.00
N GLY B 207 -2.57 -22.84 -10.91
CA GLY B 207 -1.73 -23.38 -9.86
C GLY B 207 -0.64 -22.39 -9.52
N TYR B 208 -0.23 -21.61 -10.52
CA TYR B 208 0.57 -20.41 -10.27
C TYR B 208 -0.32 -19.20 -10.11
N VAL B 209 -1.40 -19.12 -10.90
CA VAL B 209 -2.36 -18.04 -10.76
C VAL B 209 -3.12 -18.16 -9.45
N LEU B 210 -3.49 -19.38 -9.08
CA LEU B 210 -4.32 -19.58 -7.90
C LEU B 210 -3.54 -19.34 -6.61
N PHE B 211 -2.34 -19.91 -6.53
CA PHE B 211 -1.49 -19.75 -5.34
C PHE B 211 -1.05 -18.30 -5.17
N SER B 212 -0.58 -17.66 -6.24
CA SER B 212 -0.12 -16.29 -6.12
C SER B 212 -1.26 -15.32 -5.96
N ALA B 213 -2.42 -15.63 -6.55
CA ALA B 213 -3.62 -14.81 -6.35
C ALA B 213 -4.06 -14.84 -4.90
N LEU B 214 -4.12 -16.04 -4.30
CA LEU B 214 -4.40 -16.23 -2.89
C LEU B 214 -3.40 -15.47 -2.01
N GLY B 215 -2.13 -15.87 -2.05
CA GLY B 215 -1.12 -15.29 -1.20
C GLY B 215 -0.67 -13.89 -1.54
N SER B 216 -1.20 -13.27 -2.60
CA SER B 216 -0.85 -11.91 -2.96
C SER B 216 -2.00 -10.95 -2.96
N PHE B 217 -3.25 -11.40 -3.00
CA PHE B 217 -4.37 -10.50 -2.83
C PHE B 217 -5.29 -10.92 -1.71
N TYR B 218 -5.64 -12.20 -1.59
CA TYR B 218 -6.75 -12.59 -0.73
C TYR B 218 -6.37 -12.74 0.73
N LEU B 219 -5.11 -13.02 1.03
CA LEU B 219 -4.67 -12.88 2.41
C LEU B 219 -4.44 -11.41 2.79
N PRO B 220 -3.78 -10.56 1.96
CA PRO B 220 -3.74 -9.13 2.31
C PRO B 220 -5.09 -8.44 2.33
N LEU B 221 -6.06 -8.89 1.52
CA LEU B 221 -7.40 -8.30 1.59
C LEU B 221 -8.06 -8.59 2.93
N ALA B 222 -7.97 -9.83 3.40
CA ALA B 222 -8.57 -10.20 4.67
C ALA B 222 -7.88 -9.51 5.83
N ILE B 223 -6.55 -9.37 5.75
CA ILE B 223 -5.81 -8.67 6.81
C ILE B 223 -6.19 -7.20 6.82
N ILE B 224 -6.25 -6.55 5.65
CA ILE B 224 -6.59 -5.13 5.55
C ILE B 224 -8.00 -4.88 6.06
N LEU B 225 -8.95 -5.78 5.74
CA LEU B 225 -10.31 -5.64 6.22
C LEU B 225 -10.42 -5.80 7.73
N VAL B 226 -9.70 -6.78 8.31
CA VAL B 226 -9.76 -6.99 9.76
C VAL B 226 -9.13 -5.81 10.51
N MET B 227 -7.95 -5.37 10.09
CA MET B 227 -7.26 -4.30 10.81
C MET B 227 -7.98 -2.97 10.65
N TYR B 228 -8.52 -2.68 9.46
CA TYR B 228 -9.24 -1.43 9.28
C TYR B 228 -10.64 -1.43 9.88
N CYS B 229 -11.29 -2.59 10.01
CA CYS B 229 -12.55 -2.60 10.75
C CYS B 229 -12.31 -2.41 12.24
N ARG B 230 -11.20 -2.94 12.76
CA ARG B 230 -10.89 -2.70 14.17
C ARG B 230 -10.43 -1.26 14.41
N VAL B 231 -9.72 -0.67 13.45
CA VAL B 231 -9.37 0.75 13.50
C VAL B 231 -10.63 1.61 13.48
N TYR B 232 -11.62 1.22 12.67
CA TYR B 232 -12.89 1.95 12.63
C TYR B 232 -13.63 1.84 13.95
N VAL B 233 -13.60 0.67 14.58
CA VAL B 233 -14.28 0.48 15.86
C VAL B 233 -13.60 1.31 16.96
N VAL B 234 -12.27 1.41 16.93
CA VAL B 234 -11.57 2.26 17.90
C VAL B 234 -11.85 3.74 17.64
N ALA B 235 -11.91 4.14 16.37
CA ALA B 235 -12.08 5.56 16.01
C ALA B 235 -13.47 6.11 16.28
N LYS B 236 -14.42 5.30 16.73
CA LYS B 236 -15.71 5.78 17.20
C LYS B 236 -15.76 5.94 18.72
N ARG B 237 -14.61 6.18 19.36
CA ARG B 237 -14.46 6.34 20.81
C ARG B 237 -14.96 5.10 21.56
N GLU B 238 -14.19 4.03 21.40
CA GLU B 238 -14.49 2.70 21.94
C GLU B 238 -14.70 2.67 23.46
N LEU B 364 -20.88 14.41 20.04
CA LEU B 364 -21.26 14.35 18.64
C LEU B 364 -20.86 13.02 18.02
N LYS B 365 -21.69 11.99 18.23
CA LYS B 365 -21.43 10.67 17.68
C LYS B 365 -21.82 10.54 16.21
N PHE B 366 -22.32 11.60 15.59
CA PHE B 366 -22.62 11.60 14.17
C PHE B 366 -21.45 12.14 13.34
N SER B 367 -20.75 13.13 13.85
CA SER B 367 -19.61 13.71 13.16
C SER B 367 -18.31 12.93 13.38
N ARG B 368 -18.36 11.82 14.10
CA ARG B 368 -17.21 10.97 14.33
C ARG B 368 -17.25 9.68 13.53
N GLU B 369 -18.43 9.04 13.44
CA GLU B 369 -18.55 7.84 12.65
C GLU B 369 -18.57 8.15 11.15
N LYS B 370 -19.07 9.33 10.79
CA LYS B 370 -19.10 9.73 9.38
C LYS B 370 -17.69 9.97 8.85
N LYS B 371 -16.87 10.69 9.61
CA LYS B 371 -15.52 11.02 9.16
C LYS B 371 -14.62 9.80 9.08
N ALA B 372 -14.65 8.95 10.10
CA ALA B 372 -13.84 7.73 10.09
C ALA B 372 -14.34 6.74 9.06
N ALA B 373 -15.68 6.64 8.89
CA ALA B 373 -16.25 5.75 7.88
C ALA B 373 -15.89 6.18 6.48
N LYS B 374 -15.94 7.49 6.21
CA LYS B 374 -15.54 7.99 4.89
C LYS B 374 -14.06 7.84 4.64
N THR B 375 -13.23 8.14 5.66
CA THR B 375 -11.78 8.08 5.52
C THR B 375 -11.30 6.66 5.28
N LEU B 376 -11.80 5.69 6.03
CA LEU B 376 -11.43 4.30 5.78
C LEU B 376 -12.14 3.71 4.59
N GLY B 377 -13.31 4.26 4.21
CA GLY B 377 -14.04 3.73 3.08
C GLY B 377 -13.37 4.04 1.77
N ILE B 378 -12.83 5.26 1.61
CA ILE B 378 -12.11 5.56 0.38
C ILE B 378 -10.79 4.78 0.33
N VAL B 379 -10.18 4.50 1.48
CA VAL B 379 -8.92 3.77 1.53
C VAL B 379 -9.11 2.32 1.11
N VAL B 380 -10.10 1.64 1.69
CA VAL B 380 -10.33 0.26 1.28
C VAL B 380 -11.05 0.16 -0.06
N GLY B 381 -11.81 1.19 -0.46
CA GLY B 381 -12.56 1.11 -1.69
C GLY B 381 -11.73 1.34 -2.91
N CYS B 382 -10.71 2.20 -2.83
CA CYS B 382 -9.79 2.36 -3.95
C CYS B 382 -8.99 1.09 -4.17
N PHE B 383 -8.57 0.43 -3.08
CA PHE B 383 -7.82 -0.81 -3.16
C PHE B 383 -8.66 -1.93 -3.77
N VAL B 384 -9.90 -2.11 -3.29
CA VAL B 384 -10.71 -3.19 -3.84
C VAL B 384 -11.19 -2.85 -5.25
N LEU B 385 -11.46 -1.58 -5.54
CA LEU B 385 -11.97 -1.19 -6.84
C LEU B 385 -10.91 -1.23 -7.91
N CYS B 386 -9.63 -1.14 -7.52
CA CYS B 386 -8.56 -1.29 -8.48
C CYS B 386 -8.08 -2.72 -8.61
N TRP B 387 -8.12 -3.52 -7.54
CA TRP B 387 -7.45 -4.82 -7.61
C TRP B 387 -8.37 -6.04 -7.56
N LEU B 388 -9.58 -5.94 -7.05
CA LEU B 388 -10.49 -7.07 -7.03
C LEU B 388 -11.03 -7.48 -8.41
N PRO B 389 -11.29 -6.56 -9.37
CA PRO B 389 -11.58 -7.04 -10.73
C PRO B 389 -10.50 -7.90 -11.36
N PHE B 390 -9.23 -7.53 -11.20
CA PHE B 390 -8.13 -8.32 -11.76
C PHE B 390 -8.02 -9.67 -11.08
N PHE B 391 -8.05 -9.69 -9.76
CA PHE B 391 -7.88 -10.91 -9.00
C PHE B 391 -9.17 -11.70 -8.85
N LEU B 392 -10.23 -11.27 -9.52
CA LEU B 392 -11.41 -12.10 -9.70
C LEU B 392 -11.54 -12.61 -11.14
N VAL B 393 -11.06 -11.84 -12.12
CA VAL B 393 -11.06 -12.31 -13.49
C VAL B 393 -9.95 -13.34 -13.72
N MET B 394 -8.79 -13.12 -13.09
CA MET B 394 -7.61 -13.96 -13.37
C MET B 394 -7.72 -15.39 -12.85
N PRO B 395 -8.19 -15.68 -11.59
CA PRO B 395 -8.27 -17.10 -11.20
C PRO B 395 -9.52 -17.81 -11.68
N ILE B 396 -10.60 -17.06 -11.90
CA ILE B 396 -11.86 -17.69 -12.31
C ILE B 396 -11.78 -18.10 -13.78
N GLY B 397 -11.28 -17.21 -14.64
CA GLY B 397 -11.10 -17.54 -16.04
C GLY B 397 -10.00 -18.53 -16.32
N SER B 398 -9.11 -18.76 -15.37
CA SER B 398 -8.09 -19.78 -15.50
C SER B 398 -8.55 -21.15 -15.02
N PHE B 399 -9.74 -21.24 -14.41
CA PHE B 399 -10.23 -22.50 -13.87
C PHE B 399 -11.54 -22.94 -14.49
N PHE B 400 -12.49 -22.04 -14.70
CA PHE B 400 -13.77 -22.42 -15.31
C PHE B 400 -13.69 -22.17 -16.81
N PRO B 401 -13.77 -23.21 -17.64
CA PRO B 401 -13.65 -23.00 -19.09
C PRO B 401 -14.91 -22.40 -19.71
N ASP B 402 -16.04 -22.40 -19.00
CA ASP B 402 -17.25 -21.79 -19.54
C ASP B 402 -17.13 -20.27 -19.54
N PHE B 403 -16.66 -19.69 -18.44
CA PHE B 403 -16.47 -18.24 -18.36
C PHE B 403 -15.17 -17.88 -19.05
N LYS B 404 -15.28 -17.35 -20.26
CA LYS B 404 -14.15 -16.73 -20.94
C LYS B 404 -14.56 -15.31 -21.28
N PRO B 405 -14.01 -14.30 -20.61
CA PRO B 405 -14.48 -12.92 -20.81
C PRO B 405 -14.01 -12.33 -22.14
N SER B 406 -14.41 -11.09 -22.40
CA SER B 406 -14.00 -10.41 -23.61
C SER B 406 -12.55 -9.96 -23.50
N GLU B 407 -12.05 -9.32 -24.55
CA GLU B 407 -10.69 -8.81 -24.54
C GLU B 407 -10.60 -7.34 -24.21
N THR B 408 -11.73 -6.64 -24.11
CA THR B 408 -11.70 -5.28 -23.59
C THR B 408 -11.75 -5.28 -22.07
N VAL B 409 -12.50 -6.21 -21.49
CA VAL B 409 -12.61 -6.28 -20.03
C VAL B 409 -11.30 -6.74 -19.40
N PHE B 410 -10.52 -7.57 -20.11
CA PHE B 410 -9.22 -7.96 -19.57
C PHE B 410 -8.26 -6.80 -19.54
N LYS B 411 -8.24 -5.96 -20.57
CA LYS B 411 -7.36 -4.80 -20.57
C LYS B 411 -7.81 -3.76 -19.54
N ILE B 412 -9.13 -3.66 -19.30
CA ILE B 412 -9.64 -2.74 -18.30
C ILE B 412 -9.24 -3.19 -16.90
N VAL B 413 -9.47 -4.46 -16.57
CA VAL B 413 -9.08 -4.97 -15.26
C VAL B 413 -7.58 -5.14 -15.11
N PHE B 414 -6.83 -5.14 -16.22
CA PHE B 414 -5.38 -5.12 -16.15
C PHE B 414 -4.87 -3.72 -15.81
N TRP B 415 -5.43 -2.69 -16.44
CA TRP B 415 -4.94 -1.34 -16.24
C TRP B 415 -5.48 -0.70 -14.97
N LEU B 416 -6.52 -1.25 -14.36
CA LEU B 416 -6.98 -0.73 -13.06
C LEU B 416 -5.95 -0.97 -11.95
N GLY B 417 -5.27 -2.11 -11.99
CA GLY B 417 -4.19 -2.35 -11.05
C GLY B 417 -3.01 -1.42 -11.24
N TYR B 418 -2.77 -0.99 -12.48
CA TYR B 418 -1.80 0.06 -12.73
C TYR B 418 -2.29 1.41 -12.22
N LEU B 419 -3.60 1.64 -12.29
CA LEU B 419 -4.19 2.90 -11.83
C LEU B 419 -4.08 3.05 -10.31
N ASN B 420 -4.05 1.92 -9.59
CA ASN B 420 -3.87 1.97 -8.13
C ASN B 420 -2.57 2.66 -7.72
N SER B 421 -1.50 2.48 -8.49
CA SER B 421 -0.22 3.10 -8.15
C SER B 421 -0.20 4.60 -8.40
N CYS B 422 -1.08 5.11 -9.26
CA CYS B 422 -1.26 6.54 -9.42
C CYS B 422 -2.26 7.11 -8.43
N ILE B 423 -3.18 6.28 -7.96
CA ILE B 423 -4.16 6.70 -6.96
C ILE B 423 -3.50 6.82 -5.58
N ASN B 424 -2.56 5.93 -5.28
CA ASN B 424 -1.93 5.86 -3.95
C ASN B 424 -1.27 7.14 -3.42
N PRO B 425 -0.58 7.99 -4.20
CA PRO B 425 -0.06 9.23 -3.60
C PRO B 425 -1.12 10.26 -3.24
N ILE B 426 -2.32 10.17 -3.80
CA ILE B 426 -3.37 11.09 -3.40
C ILE B 426 -3.96 10.68 -2.05
N ILE B 427 -3.89 9.39 -1.72
CA ILE B 427 -4.57 8.91 -0.52
C ILE B 427 -3.66 8.98 0.69
N TYR B 428 -2.54 8.28 0.65
CA TYR B 428 -1.79 7.94 1.87
C TYR B 428 -0.95 9.08 2.45
N PRO B 429 -0.31 9.97 1.67
CA PRO B 429 0.22 11.19 2.29
C PRO B 429 -0.86 12.16 2.73
N CYS B 430 -2.02 12.17 2.09
CA CYS B 430 -3.11 13.02 2.56
C CYS B 430 -3.86 12.42 3.75
N SER B 431 -3.44 11.25 4.23
CA SER B 431 -3.88 10.69 5.51
C SER B 431 -2.81 10.88 6.57
N SER B 432 -2.08 11.99 6.52
CA SER B 432 -1.05 12.29 7.52
C SER B 432 -0.83 13.80 7.52
N GLN B 433 -0.93 14.41 8.69
CA GLN B 433 -0.85 15.87 8.78
C GLN B 433 0.56 16.38 8.54
N GLU B 434 1.58 15.64 8.98
CA GLU B 434 2.96 15.99 8.66
C GLU B 434 3.23 15.85 7.16
N PHE B 435 2.72 14.77 6.55
CA PHE B 435 2.81 14.66 5.10
C PHE B 435 1.94 15.68 4.38
N LYS B 436 0.82 16.09 4.98
CA LYS B 436 0.02 17.14 4.35
C LYS B 436 0.70 18.49 4.42
N LYS B 437 1.52 18.71 5.47
CA LYS B 437 2.31 19.93 5.55
C LYS B 437 3.58 19.87 4.71
N ALA B 438 4.07 18.68 4.40
CA ALA B 438 5.28 18.54 3.59
C ALA B 438 4.98 18.43 2.09
N PHE B 439 3.84 17.85 1.72
CA PHE B 439 3.51 17.64 0.31
C PHE B 439 3.24 18.97 -0.39
N GLN B 440 2.42 19.83 0.23
CA GLN B 440 2.17 21.14 -0.35
C GLN B 440 3.37 22.07 -0.20
N ASN B 441 4.33 21.75 0.66
CA ASN B 441 5.55 22.53 0.76
C ASN B 441 6.57 22.13 -0.31
N VAL B 442 6.57 20.86 -0.74
CA VAL B 442 7.54 20.42 -1.72
C VAL B 442 7.07 20.64 -3.16
N LEU B 443 5.76 20.77 -3.39
CA LEU B 443 5.26 21.11 -4.71
C LEU B 443 4.97 22.60 -4.78
N GLN C 23 -13.06 -25.08 -28.62
CA GLN C 23 -11.76 -25.65 -28.92
C GLN C 23 -11.41 -25.44 -30.39
N VAL C 24 -10.12 -25.34 -30.67
CA VAL C 24 -9.59 -25.14 -32.02
C VAL C 24 -8.50 -26.17 -32.27
N GLN C 25 -8.62 -26.92 -33.36
CA GLN C 25 -7.69 -27.99 -33.69
C GLN C 25 -7.00 -27.65 -35.01
N LEU C 26 -5.81 -27.08 -34.92
CA LEU C 26 -5.01 -26.76 -36.10
C LEU C 26 -4.49 -28.04 -36.74
N GLN C 27 -4.83 -28.26 -38.00
CA GLN C 27 -4.35 -29.40 -38.76
C GLN C 27 -3.65 -28.89 -40.00
N GLU C 28 -2.33 -29.06 -40.04
CA GLU C 28 -1.52 -28.58 -41.15
C GLU C 28 -1.22 -29.68 -42.16
N SER C 29 -0.91 -29.26 -43.37
CA SER C 29 -0.64 -30.17 -44.47
C SER C 29 0.27 -29.47 -45.47
N GLY C 30 0.40 -30.05 -46.66
CA GLY C 30 1.13 -29.43 -47.74
C GLY C 30 2.58 -29.85 -47.88
N GLY C 31 3.19 -30.38 -46.81
CA GLY C 31 4.59 -30.74 -46.85
C GLY C 31 4.84 -32.02 -47.62
N GLY C 32 6.13 -32.29 -47.84
CA GLY C 32 6.52 -33.46 -48.61
C GLY C 32 8.02 -33.57 -48.82
N LEU C 33 8.42 -33.85 -50.06
CA LEU C 33 9.82 -34.04 -50.40
C LEU C 33 10.17 -33.09 -51.53
N VAL C 34 11.10 -32.16 -51.25
CA VAL C 34 11.49 -31.13 -52.19
C VAL C 34 12.98 -31.28 -52.50
N GLN C 35 13.35 -31.07 -53.76
CA GLN C 35 14.74 -30.97 -54.12
C GLN C 35 15.32 -29.64 -53.65
N ALA C 36 16.65 -29.52 -53.70
CA ALA C 36 17.31 -28.31 -53.26
C ALA C 36 17.04 -27.17 -54.23
N GLY C 37 16.64 -26.02 -53.69
CA GLY C 37 16.25 -24.89 -54.50
C GLY C 37 14.83 -24.93 -55.01
N GLY C 38 14.04 -25.91 -54.59
CA GLY C 38 12.68 -26.07 -55.07
C GLY C 38 11.69 -25.14 -54.40
N SER C 39 10.44 -25.60 -54.29
CA SER C 39 9.36 -24.78 -53.78
C SER C 39 8.35 -25.66 -53.07
N LEU C 40 7.77 -25.12 -51.99
CA LEU C 40 6.73 -25.82 -51.25
C LEU C 40 5.73 -24.78 -50.76
N ARG C 41 4.51 -25.22 -50.50
CA ARG C 41 3.45 -24.34 -50.00
C ARG C 41 2.73 -25.07 -48.88
N LEU C 42 3.05 -24.72 -47.65
CA LEU C 42 2.42 -25.29 -46.48
C LEU C 42 1.12 -24.56 -46.16
N SER C 43 0.16 -25.31 -45.65
CA SER C 43 -1.12 -24.74 -45.23
C SER C 43 -1.42 -25.21 -43.81
N CYS C 44 -2.18 -24.40 -43.08
CA CYS C 44 -2.67 -24.78 -41.77
C CYS C 44 -4.11 -24.30 -41.63
N ALA C 45 -5.02 -25.26 -41.45
CA ALA C 45 -6.44 -24.97 -41.27
C ALA C 45 -6.73 -24.77 -39.78
N ALA C 46 -7.99 -24.65 -39.43
CA ALA C 46 -8.30 -24.32 -38.05
C ALA C 46 -9.31 -25.26 -37.39
N SER C 47 -10.33 -25.69 -38.12
CA SER C 47 -11.48 -26.46 -37.60
C SER C 47 -12.12 -25.76 -36.39
N GLY C 48 -12.26 -24.45 -36.48
CA GLY C 48 -12.79 -23.65 -35.39
C GLY C 48 -12.73 -22.18 -35.69
N ASN C 49 -12.52 -21.35 -34.66
CA ASN C 49 -12.46 -19.91 -34.83
C ASN C 49 -11.33 -19.34 -33.98
N ILE C 50 -10.37 -18.70 -34.64
CA ILE C 50 -9.34 -17.90 -33.97
C ILE C 50 -9.74 -16.44 -34.11
N SER C 51 -9.68 -15.70 -33.02
CA SER C 51 -10.00 -14.28 -33.04
C SER C 51 -9.00 -13.51 -33.89
N ALA C 52 -9.46 -12.39 -34.45
CA ALA C 52 -8.60 -11.58 -35.30
C ALA C 52 -7.52 -10.85 -34.52
N HIS C 53 -7.64 -10.76 -33.20
CA HIS C 53 -6.59 -10.17 -32.35
C HIS C 53 -5.62 -11.21 -31.83
N TRP C 54 -5.43 -12.30 -32.57
CA TRP C 54 -4.49 -13.35 -32.25
C TRP C 54 -3.52 -13.51 -33.41
N LYS C 55 -2.28 -13.87 -33.09
CA LYS C 55 -1.33 -14.13 -34.15
C LYS C 55 -1.49 -15.56 -34.64
N MET C 56 -0.87 -15.85 -35.78
CA MET C 56 -0.86 -17.21 -36.30
C MET C 56 0.46 -17.38 -37.05
N GLY C 57 1.24 -18.39 -36.68
CA GLY C 57 2.59 -18.49 -37.16
C GLY C 57 2.98 -19.91 -37.49
N TRP C 58 4.14 -20.04 -38.10
CA TRP C 58 4.76 -21.30 -38.47
C TRP C 58 6.09 -21.40 -37.75
N TYR C 59 6.30 -22.49 -37.03
CA TYR C 59 7.55 -22.75 -36.33
C TYR C 59 8.16 -24.03 -36.87
N ARG C 60 9.43 -24.24 -36.55
CA ARG C 60 10.21 -25.33 -37.14
C ARG C 60 11.09 -25.96 -36.07
N GLN C 61 11.14 -27.29 -36.05
CA GLN C 61 12.00 -28.02 -35.13
C GLN C 61 12.74 -29.10 -35.88
N ALA C 62 14.06 -29.03 -35.88
CA ALA C 62 14.86 -30.08 -36.46
C ALA C 62 15.05 -31.22 -35.45
N PRO C 63 15.25 -32.46 -35.92
CA PRO C 63 15.62 -33.53 -34.99
C PRO C 63 17.00 -33.32 -34.40
N GLY C 64 17.05 -33.02 -33.10
CA GLY C 64 18.30 -32.71 -32.44
C GLY C 64 18.31 -31.32 -31.82
N LYS C 65 17.70 -30.36 -32.50
CA LYS C 65 17.60 -29.00 -32.02
C LYS C 65 16.19 -28.76 -31.45
N GLU C 66 15.90 -27.53 -31.08
CA GLU C 66 14.63 -27.17 -30.47
C GLU C 66 13.76 -26.40 -31.46
N ARG C 67 12.58 -26.00 -31.01
CA ARG C 67 11.68 -25.20 -31.83
C ARG C 67 12.22 -23.78 -31.99
N GLU C 68 12.35 -23.34 -33.22
CA GLU C 68 12.63 -21.94 -33.52
C GLU C 68 11.45 -21.32 -34.26
N PHE C 69 11.29 -20.01 -34.06
CA PHE C 69 10.30 -19.25 -34.80
C PHE C 69 10.73 -19.12 -36.25
N VAL C 70 9.77 -19.18 -37.17
CA VAL C 70 10.03 -19.04 -38.60
C VAL C 70 9.24 -17.91 -39.22
N ALA C 71 7.91 -17.90 -39.01
CA ALA C 71 7.11 -16.83 -39.57
C ALA C 71 5.87 -16.62 -38.73
N GLY C 72 5.29 -15.43 -38.82
CA GLY C 72 4.08 -15.14 -38.06
C GLY C 72 3.33 -13.95 -38.59
N ILE C 73 2.01 -14.04 -38.66
CA ILE C 73 1.18 -12.93 -39.14
C ILE C 73 0.05 -12.71 -38.15
N GLY C 74 -0.16 -11.45 -37.77
CA GLY C 74 -1.27 -11.07 -36.93
C GLY C 74 -1.93 -9.80 -37.43
N TYR C 75 -2.51 -9.02 -36.53
CA TYR C 75 -3.04 -7.71 -36.91
C TYR C 75 -2.02 -6.60 -36.70
N ALA C 76 -1.08 -6.78 -35.78
CA ALA C 76 -0.14 -5.73 -35.41
C ALA C 76 1.16 -5.77 -36.19
N ASN C 77 1.65 -6.95 -36.58
CA ASN C 77 2.87 -7.04 -37.35
C ASN C 77 2.90 -8.36 -38.12
N THR C 78 3.88 -8.45 -39.02
CA THR C 78 4.26 -9.68 -39.70
C THR C 78 5.74 -9.90 -39.45
N ASN C 79 6.08 -11.01 -38.82
CA ASN C 79 7.43 -11.27 -38.34
C ASN C 79 8.02 -12.46 -39.06
N TYR C 80 9.33 -12.41 -39.27
CA TYR C 80 10.09 -13.50 -39.87
C TYR C 80 11.32 -13.80 -39.02
N ALA C 81 11.89 -14.97 -39.25
CA ALA C 81 13.22 -15.26 -38.75
C ALA C 81 14.25 -14.76 -39.75
N ASP C 82 15.43 -14.39 -39.26
CA ASP C 82 16.43 -13.76 -40.12
C ASP C 82 17.13 -14.74 -41.04
N SER C 83 16.96 -16.05 -40.84
CA SER C 83 17.55 -17.03 -41.75
C SER C 83 16.61 -17.41 -42.88
N VAL C 84 15.33 -17.06 -42.78
CA VAL C 84 14.32 -17.34 -43.80
C VAL C 84 13.65 -16.06 -44.27
N LYS C 85 14.31 -14.92 -44.06
CA LYS C 85 13.64 -13.61 -44.17
C LYS C 85 13.30 -13.26 -45.62
N GLY C 86 14.18 -13.56 -46.55
CA GLY C 86 13.96 -13.15 -47.92
C GLY C 86 13.16 -14.12 -48.75
N ARG C 87 13.26 -15.41 -48.43
CA ARG C 87 12.75 -16.45 -49.31
C ARG C 87 11.45 -17.10 -48.84
N PHE C 88 10.99 -16.81 -47.63
CA PHE C 88 9.74 -17.36 -47.12
C PHE C 88 8.66 -16.28 -47.15
N THR C 89 7.41 -16.70 -47.32
CA THR C 89 6.30 -15.74 -47.37
C THR C 89 5.11 -16.31 -46.61
N ILE C 90 4.71 -15.66 -45.53
CA ILE C 90 3.53 -16.07 -44.79
C ILE C 90 2.33 -15.27 -45.31
N SER C 91 1.17 -15.93 -45.35
CA SER C 91 -0.07 -15.27 -45.73
C SER C 91 -1.20 -15.87 -44.90
N ARG C 92 -2.30 -15.14 -44.81
CA ARG C 92 -3.39 -15.51 -43.92
C ARG C 92 -4.72 -15.20 -44.60
N ASP C 93 -5.65 -16.15 -44.52
CA ASP C 93 -7.04 -15.93 -44.91
C ASP C 93 -7.89 -16.06 -43.65
N ASN C 94 -8.36 -14.93 -43.13
CA ASN C 94 -9.12 -14.92 -41.89
C ASN C 94 -10.54 -15.43 -42.08
N ALA C 95 -11.04 -15.44 -43.32
CA ALA C 95 -12.39 -15.97 -43.57
C ALA C 95 -12.39 -17.49 -43.46
N LYS C 96 -11.48 -18.16 -44.14
CA LYS C 96 -11.32 -19.59 -44.03
C LYS C 96 -10.49 -20.01 -42.83
N ASN C 97 -9.96 -19.03 -42.07
CA ASN C 97 -9.15 -19.24 -40.87
C ASN C 97 -7.92 -20.11 -41.14
N THR C 98 -7.25 -19.85 -42.26
CA THR C 98 -6.10 -20.65 -42.66
C THR C 98 -4.88 -19.76 -42.82
N VAL C 99 -3.71 -20.37 -42.66
CA VAL C 99 -2.43 -19.67 -42.83
C VAL C 99 -1.54 -20.48 -43.76
N TYR C 100 -1.05 -19.83 -44.80
CA TYR C 100 -0.16 -20.45 -45.77
C TYR C 100 1.26 -19.95 -45.56
N LEU C 101 2.22 -20.81 -45.88
CA LEU C 101 3.64 -20.47 -45.86
C LEU C 101 4.24 -20.95 -47.18
N GLN C 102 4.54 -20.01 -48.06
CA GLN C 102 5.19 -20.31 -49.33
C GLN C 102 6.69 -20.28 -49.10
N MET C 103 7.33 -21.43 -49.22
CA MET C 103 8.77 -21.58 -49.01
C MET C 103 9.41 -21.76 -50.38
N ASN C 104 10.19 -20.77 -50.81
CA ASN C 104 10.85 -20.81 -52.10
C ASN C 104 12.36 -20.85 -51.89
N SER C 105 13.04 -21.46 -52.86
CA SER C 105 14.50 -21.68 -52.86
C SER C 105 14.95 -22.39 -51.59
N LEU C 106 14.49 -23.63 -51.45
CA LEU C 106 14.67 -24.40 -50.23
C LEU C 106 16.10 -24.90 -50.14
N LYS C 107 16.83 -24.40 -49.16
CA LYS C 107 18.19 -24.84 -48.87
C LYS C 107 18.16 -26.18 -48.12
N PRO C 108 19.27 -26.97 -48.15
CA PRO C 108 19.35 -28.23 -47.40
C PRO C 108 19.68 -28.06 -45.91
N GLU C 109 19.00 -27.14 -45.25
CA GLU C 109 18.98 -27.09 -43.79
C GLU C 109 17.59 -26.80 -43.26
N ASP C 110 16.58 -26.78 -44.13
CA ASP C 110 15.18 -26.64 -43.73
C ASP C 110 14.51 -27.98 -43.49
N THR C 111 15.28 -29.07 -43.52
CA THR C 111 14.75 -30.42 -43.30
C THR C 111 14.41 -30.56 -41.83
N ALA C 112 13.12 -30.48 -41.52
CA ALA C 112 12.67 -30.42 -40.13
C ALA C 112 11.19 -30.80 -40.07
N VAL C 113 10.58 -30.57 -38.91
CA VAL C 113 9.14 -30.70 -38.73
C VAL C 113 8.58 -29.31 -38.50
N TYR C 114 7.57 -28.94 -39.28
CA TYR C 114 6.97 -27.63 -39.24
C TYR C 114 5.61 -27.71 -38.56
N TYR C 115 5.42 -26.91 -37.52
CA TYR C 115 4.17 -26.80 -36.80
C TYR C 115 3.54 -25.44 -37.08
N CYS C 116 2.22 -25.38 -37.00
CA CYS C 116 1.52 -24.10 -37.01
C CYS C 116 0.94 -23.84 -35.64
N ALA C 117 0.97 -22.58 -35.23
CA ALA C 117 0.48 -22.18 -33.93
C ALA C 117 -0.45 -20.98 -34.09
N ALA C 118 -1.38 -20.87 -33.14
CA ALA C 118 -2.43 -19.85 -33.15
C ALA C 118 -2.39 -19.10 -31.82
N TYR C 119 -1.22 -18.60 -31.47
CA TYR C 119 -0.93 -18.02 -30.17
C TYR C 119 -1.45 -16.59 -30.07
N SER C 120 -1.52 -16.10 -28.83
CA SER C 120 -1.95 -14.75 -28.53
C SER C 120 -0.74 -13.82 -28.36
N TYR C 121 -1.01 -12.53 -28.27
CA TYR C 121 0.06 -11.55 -28.06
C TYR C 121 0.40 -11.32 -26.61
N TYR C 122 -0.58 -11.34 -25.72
CA TYR C 122 -0.38 -10.89 -24.36
C TYR C 122 -0.97 -11.81 -23.30
N ARG C 123 -1.60 -12.91 -23.69
CA ARG C 123 -2.17 -13.86 -22.76
C ARG C 123 -1.64 -15.26 -23.07
N ASP C 124 -1.56 -16.10 -22.05
CA ASP C 124 -0.96 -17.42 -22.18
C ASP C 124 -1.94 -18.38 -22.84
N HIS C 125 -2.18 -18.14 -24.14
CA HIS C 125 -3.09 -18.93 -24.94
C HIS C 125 -2.36 -19.33 -26.22
N SER C 126 -2.14 -20.62 -26.40
CA SER C 126 -1.40 -21.13 -27.56
C SER C 126 -1.99 -22.46 -27.97
N TYR C 127 -2.55 -22.54 -29.17
CA TYR C 127 -2.94 -23.80 -29.76
C TYR C 127 -1.84 -24.24 -30.72
N TRP C 128 -1.57 -25.53 -30.76
CA TRP C 128 -0.42 -26.05 -31.50
C TRP C 128 -0.85 -27.13 -32.46
N GLY C 129 -0.25 -27.12 -33.64
CA GLY C 129 -0.56 -28.09 -34.67
C GLY C 129 0.12 -29.42 -34.44
N GLN C 130 -0.19 -30.35 -35.34
CA GLN C 130 0.33 -31.72 -35.22
C GLN C 130 1.78 -31.81 -35.66
N GLY C 131 2.13 -31.16 -36.77
CA GLY C 131 3.47 -31.26 -37.32
C GLY C 131 3.49 -31.84 -38.72
N THR C 132 4.41 -31.38 -39.55
CA THR C 132 4.54 -31.88 -40.91
C THR C 132 6.01 -31.93 -41.29
N GLN C 133 6.46 -33.09 -41.75
CA GLN C 133 7.86 -33.27 -42.11
C GLN C 133 8.15 -32.64 -43.47
N VAL C 134 9.18 -31.82 -43.53
CA VAL C 134 9.65 -31.20 -44.77
C VAL C 134 11.11 -31.58 -44.95
N THR C 135 11.42 -32.23 -46.08
CA THR C 135 12.74 -32.76 -46.35
C THR C 135 13.33 -32.11 -47.59
N VAL C 136 14.55 -31.59 -47.46
CA VAL C 136 15.33 -31.07 -48.57
C VAL C 136 16.58 -31.92 -48.71
N SER C 137 16.83 -32.40 -49.93
CA SER C 137 17.98 -33.26 -50.19
C SER C 137 18.63 -32.86 -51.51
N SER C 138 19.86 -33.34 -51.70
CA SER C 138 20.61 -33.05 -52.91
C SER C 138 21.61 -34.17 -53.22
#